data_6NON
#
_entry.id   6NON
#
_cell.length_a   155.352
_cell.length_b   155.352
_cell.length_c   180.669
_cell.angle_alpha   90.00
_cell.angle_beta   90.00
_cell.angle_gamma   120.00
#
_symmetry.space_group_name_H-M   'P 64 2 2'
#
loop_
_entity.id
_entity.type
_entity.pdbx_description
1 polymer 'Cobyrinic acid ac-diamide synthase'
2 non-polymer "ADENOSINE-5'-DIPHOSPHATE"
3 non-polymer 'MAGNESIUM ION'
4 water water
#
_entity_poly.entity_id   1
_entity_poly.type   'polypeptide(L)'
_entity_poly.pdbx_seq_one_letter_code
;(MSE)GSSHHHHHHSSGLVPRGSH(MSE)KTLVIASLSGGQGKTTTAFFLGKLLSQSAKVLFIDADPQSNLTFFLGHEVE
PSAPTLLELIKD(MSE)VEPADAVYSLANSNQFLIPSDDGLSNAQEYLASSG(MSE)GAVVLKARLKPLSEYFDYCIIDS
PPARTQISIATIGAADQLLIPAEASTKGVNSLIRTLEIVQSLEKLGAFTGSILGVIPFRDKWFGLSQSKDSAGAIAA
(MSE)KEVAPQLRIFPSILESERYKQALNQGILLSELGYPDLEKPFEGVKEALG
;
_entity_poly.pdbx_strand_id   A,B
#
loop_
_chem_comp.id
_chem_comp.type
_chem_comp.name
_chem_comp.formula
ADP non-polymer ADENOSINE-5'-DIPHOSPHATE 'C10 H15 N5 O10 P2'
MG non-polymer 'MAGNESIUM ION' 'Mg 2'
#
# COMPACT_ATOMS: atom_id res chain seq x y z
N GLY A 13 10.10 13.69 -27.64
CA GLY A 13 9.41 12.49 -28.05
C GLY A 13 10.22 11.22 -27.83
N LEU A 14 9.57 10.21 -27.24
CA LEU A 14 10.23 8.94 -26.92
C LEU A 14 9.95 7.85 -27.96
N VAL A 15 11.02 7.27 -28.49
CA VAL A 15 10.91 6.19 -29.45
C VAL A 15 10.68 4.85 -28.74
N PRO A 16 9.50 4.23 -28.96
CA PRO A 16 9.20 2.90 -28.43
C PRO A 16 9.95 1.80 -29.19
N ARG A 17 10.31 0.72 -28.49
CA ARG A 17 11.09 -0.34 -29.07
C ARG A 17 10.64 -1.70 -28.54
N GLY A 18 11.32 -2.76 -28.92
CA GLY A 18 10.94 -4.10 -28.51
C GLY A 18 11.21 -4.35 -27.04
N SER A 19 11.72 -3.34 -26.34
CA SER A 19 12.26 -3.53 -24.99
C SER A 19 11.22 -3.76 -23.90
N HIS A 20 11.59 -4.64 -22.96
CA HIS A 20 10.85 -4.87 -21.73
C HIS A 20 11.76 -4.42 -20.59
N MSE A 21 11.58 -3.18 -20.19
CA MSE A 21 12.43 -2.50 -19.23
C MSE A 21 12.59 -3.25 -17.92
O MSE A 21 11.60 -3.57 -17.26
CB MSE A 21 11.83 -1.14 -18.96
CG MSE A 21 12.56 -0.37 -17.95
SE MSE A 21 11.50 1.18 -17.50
CE MSE A 21 12.81 2.48 -17.87
N LYS A 22 13.83 -3.54 -17.56
CA LYS A 22 14.15 -4.26 -16.34
C LYS A 22 14.58 -3.27 -15.27
N THR A 23 13.79 -3.10 -14.20
CA THR A 23 14.04 -2.07 -13.19
C THR A 23 14.97 -2.53 -12.07
N LEU A 24 16.10 -1.84 -11.93
CA LEU A 24 17.08 -2.18 -10.92
C LEU A 24 17.06 -1.10 -9.86
N VAL A 25 17.03 -1.51 -8.59
CA VAL A 25 16.97 -0.53 -7.50
C VAL A 25 18.15 -0.64 -6.57
N ILE A 26 18.79 0.50 -6.30
CA ILE A 26 19.92 0.55 -5.38
C ILE A 26 19.37 1.06 -4.07
N ALA A 27 19.14 0.16 -3.12
CA ALA A 27 18.46 0.53 -1.89
C ALA A 27 19.26 0.08 -0.68
N SER A 28 19.29 0.93 0.32
CA SER A 28 19.94 0.63 1.59
C SER A 28 19.46 1.56 2.69
N LEU A 29 18.75 1.01 3.68
CA LEU A 29 18.23 1.76 4.84
C LEU A 29 19.05 2.95 5.25
N SER A 30 20.33 2.75 5.60
CA SER A 30 21.13 3.84 6.12
C SER A 30 21.74 4.82 5.11
N GLY A 31 22.16 5.96 5.63
CA GLY A 31 22.77 7.01 4.83
C GLY A 31 24.09 6.57 4.23
N GLY A 32 24.16 6.65 2.91
CA GLY A 32 25.35 6.26 2.19
C GLY A 32 25.42 6.95 0.85
N GLN A 33 26.62 7.44 0.54
CA GLN A 33 26.95 7.91 -0.79
C GLN A 33 27.26 6.71 -1.67
N GLY A 34 27.10 5.52 -1.09
CA GLY A 34 27.29 4.28 -1.81
C GLY A 34 26.24 4.02 -2.86
N LYS A 35 24.98 4.36 -2.60
CA LYS A 35 23.92 4.09 -3.56
C LYS A 35 24.15 5.00 -4.75
N THR A 36 24.26 6.30 -4.48
CA THR A 36 24.34 7.27 -5.56
C THR A 36 25.53 6.98 -6.45
N THR A 37 26.65 6.61 -5.82
CA THR A 37 27.82 6.23 -6.58
C THR A 37 27.50 5.03 -7.46
N THR A 38 26.91 3.99 -6.87
CA THR A 38 26.62 2.78 -7.61
C THR A 38 25.60 3.01 -8.73
N ALA A 39 24.65 3.92 -8.52
CA ALA A 39 23.65 4.20 -9.54
C ALA A 39 24.26 4.94 -10.71
N PHE A 40 25.13 5.90 -10.42
CA PHE A 40 25.82 6.69 -11.44
C PHE A 40 26.69 5.83 -12.36
N PHE A 41 27.70 5.20 -11.79
CA PHE A 41 28.60 4.40 -12.60
C PHE A 41 27.93 3.20 -13.25
N LEU A 42 26.96 2.60 -12.57
CA LEU A 42 26.30 1.43 -13.14
C LEU A 42 25.41 1.83 -14.32
N GLY A 43 24.67 2.92 -14.17
CA GLY A 43 23.84 3.41 -15.26
C GLY A 43 24.68 3.79 -16.47
N LYS A 44 25.70 4.60 -16.23
CA LYS A 44 26.57 5.03 -17.30
C LYS A 44 27.11 3.81 -18.04
N LEU A 45 27.56 2.80 -17.30
CA LEU A 45 28.07 1.57 -17.92
C LEU A 45 27.03 0.75 -18.69
N LEU A 46 25.79 0.75 -18.23
CA LEU A 46 24.78 -0.01 -18.93
C LEU A 46 24.43 0.70 -20.23
N SER A 47 24.51 2.02 -20.20
CA SER A 47 24.12 2.84 -21.35
C SER A 47 25.10 2.73 -22.53
N GLN A 48 26.16 1.95 -22.38
CA GLN A 48 27.11 1.74 -23.46
C GLN A 48 26.41 1.08 -24.64
N SER A 49 25.66 0.02 -24.37
CA SER A 49 24.95 -0.63 -25.45
C SER A 49 23.45 -0.85 -25.17
N ALA A 50 22.87 -0.08 -24.24
CA ALA A 50 21.44 -0.20 -23.95
C ALA A 50 20.81 1.13 -23.59
N LYS A 51 19.48 1.19 -23.59
CA LYS A 51 18.80 2.43 -23.28
C LYS A 51 18.48 2.43 -21.79
N VAL A 52 19.02 3.41 -21.08
CA VAL A 52 18.94 3.43 -19.63
C VAL A 52 18.14 4.60 -19.07
N LEU A 53 17.18 4.29 -18.20
CA LEU A 53 16.42 5.34 -17.51
C LEU A 53 16.85 5.49 -16.05
N PHE A 54 17.41 6.64 -15.72
CA PHE A 54 17.78 6.94 -14.34
C PHE A 54 16.58 7.56 -13.67
N ILE A 55 16.26 7.06 -12.47
CA ILE A 55 15.29 7.74 -11.61
C ILE A 55 15.99 8.18 -10.34
N ASP A 56 15.90 9.46 -10.05
CA ASP A 56 16.46 10.05 -8.84
C ASP A 56 15.34 10.24 -7.85
N ALA A 57 15.29 9.22 -6.98
CA ALA A 57 14.32 9.08 -5.91
C ALA A 57 14.79 9.61 -4.54
N ASP A 58 15.94 10.25 -4.50
CA ASP A 58 16.42 10.84 -3.25
C ASP A 58 16.17 12.34 -3.25
N PRO A 59 15.52 12.84 -2.20
CA PRO A 59 15.20 14.27 -2.10
C PRO A 59 16.44 15.16 -1.96
N GLN A 60 17.60 14.57 -1.73
CA GLN A 60 18.85 15.28 -1.74
C GLN A 60 19.22 15.67 -3.18
N SER A 61 18.83 14.81 -4.13
CA SER A 61 18.92 15.12 -5.54
C SER A 61 20.32 15.12 -6.11
N ASN A 62 21.18 14.27 -5.57
CA ASN A 62 22.56 14.25 -6.02
C ASN A 62 22.72 13.64 -7.40
N LEU A 63 22.20 12.44 -7.60
CA LEU A 63 22.25 11.82 -8.93
C LEU A 63 21.85 12.82 -10.01
N THR A 64 20.79 13.58 -9.76
CA THR A 64 20.33 14.55 -10.75
C THR A 64 21.38 15.61 -11.01
N PHE A 65 22.09 15.99 -9.97
CA PHE A 65 23.15 16.97 -10.06
C PHE A 65 24.39 16.39 -10.77
N PHE A 66 24.78 15.19 -10.38
CA PHE A 66 25.95 14.54 -10.95
C PHE A 66 25.80 14.20 -12.42
N LEU A 67 24.57 13.90 -12.85
CA LEU A 67 24.28 13.61 -14.24
C LEU A 67 24.12 14.92 -15.02
N GLY A 68 24.27 16.03 -14.31
CA GLY A 68 24.35 17.33 -14.97
C GLY A 68 23.03 17.89 -15.46
N HIS A 69 21.95 17.50 -14.79
CA HIS A 69 20.63 17.97 -15.14
C HIS A 69 20.19 19.03 -14.14
N GLU A 70 19.60 20.11 -14.63
CA GLU A 70 18.93 21.04 -13.73
C GLU A 70 17.43 21.18 -14.03
N VAL A 71 16.64 21.14 -12.96
CA VAL A 71 15.19 21.21 -13.11
C VAL A 71 14.73 22.65 -13.20
N GLU A 72 14.10 23.00 -14.32
CA GLU A 72 13.57 24.33 -14.51
C GLU A 72 12.32 24.50 -13.69
N PRO A 73 12.01 25.75 -13.31
CA PRO A 73 10.83 26.07 -12.43
C PRO A 73 9.48 25.29 -12.55
N SER A 74 8.83 25.37 -13.71
CA SER A 74 7.51 24.65 -13.79
C SER A 74 7.59 23.21 -14.39
N ALA A 75 8.80 22.66 -14.37
CA ALA A 75 9.12 21.35 -14.87
C ALA A 75 8.67 20.23 -13.95
N PRO A 76 7.96 19.27 -14.52
CA PRO A 76 7.46 18.09 -13.81
C PRO A 76 8.56 17.06 -13.57
N THR A 77 8.79 16.75 -12.29
CA THR A 77 9.83 15.81 -11.91
C THR A 77 9.20 14.53 -11.34
N LEU A 78 9.94 13.79 -10.54
CA LEU A 78 9.44 12.54 -9.93
C LEU A 78 8.21 12.79 -9.08
N LEU A 79 8.20 13.89 -8.33
CA LEU A 79 7.08 14.18 -7.43
C LEU A 79 5.76 14.19 -8.19
N GLU A 80 5.75 14.86 -9.33
CA GLU A 80 4.56 14.98 -10.13
C GLU A 80 4.16 13.64 -10.73
N LEU A 81 5.14 12.80 -11.01
CA LEU A 81 4.83 11.51 -11.58
C LEU A 81 4.19 10.62 -10.50
N ILE A 82 4.74 10.66 -9.29
CA ILE A 82 4.21 9.86 -8.18
C ILE A 82 2.75 10.23 -7.86
N LYS A 83 2.46 11.53 -7.82
CA LYS A 83 1.12 12.03 -7.51
C LYS A 83 0.20 12.05 -8.73
N ASP A 84 0.57 11.31 -9.76
CA ASP A 84 -0.26 11.19 -10.96
C ASP A 84 -0.71 12.52 -11.55
N MSE A 85 0.10 13.57 -11.37
CA MSE A 85 -0.25 14.89 -11.89
C MSE A 85 0.18 15.13 -13.33
O MSE A 85 -0.04 16.21 -13.87
CB MSE A 85 0.35 16.00 -11.02
CG MSE A 85 0.02 15.89 -9.57
SE MSE A 85 0.87 17.32 -8.58
CE MSE A 85 -0.47 17.62 -7.20
N VAL A 86 0.79 14.12 -13.96
CA VAL A 86 1.39 14.28 -15.29
C VAL A 86 1.67 12.92 -15.92
N GLU A 87 1.55 12.81 -17.24
CA GLU A 87 1.84 11.56 -17.92
C GLU A 87 3.26 11.12 -17.57
N PRO A 88 3.51 9.81 -17.47
CA PRO A 88 4.87 9.37 -17.15
C PRO A 88 5.92 9.98 -18.06
N ALA A 89 5.76 9.85 -19.37
CA ALA A 89 6.77 10.35 -20.29
C ALA A 89 7.08 11.84 -20.14
N ASP A 90 6.18 12.61 -19.51
CA ASP A 90 6.41 14.05 -19.37
C ASP A 90 7.33 14.38 -18.22
N ALA A 91 7.74 13.35 -17.48
CA ALA A 91 8.68 13.53 -16.39
C ALA A 91 10.02 12.92 -16.76
N VAL A 92 10.12 12.38 -17.98
CA VAL A 92 11.36 11.84 -18.46
C VAL A 92 12.13 12.87 -19.26
N TYR A 93 13.36 13.15 -18.85
CA TYR A 93 14.19 14.10 -19.57
C TYR A 93 15.38 13.44 -20.22
N SER A 94 15.81 14.00 -21.33
CA SER A 94 16.94 13.44 -22.05
C SER A 94 18.24 13.99 -21.50
N LEU A 95 19.30 13.21 -21.56
CA LEU A 95 20.58 13.67 -21.05
C LEU A 95 21.61 13.88 -22.17
N ALA A 96 22.82 14.29 -21.80
CA ALA A 96 23.88 14.50 -22.77
C ALA A 96 24.08 13.26 -23.61
N ASN A 97 24.28 12.12 -22.96
CA ASN A 97 24.40 10.86 -23.66
C ASN A 97 23.08 10.46 -24.34
N SER A 98 23.17 9.82 -25.49
CA SER A 98 21.97 9.56 -26.30
C SER A 98 21.20 8.35 -25.78
N ASN A 99 21.82 7.61 -24.86
CA ASN A 99 21.24 6.41 -24.28
C ASN A 99 20.82 6.55 -22.82
N GLN A 100 20.89 7.76 -22.30
CA GLN A 100 20.60 7.98 -20.90
C GLN A 100 19.49 9.00 -20.74
N PHE A 101 18.50 8.66 -19.91
CA PHE A 101 17.40 9.57 -19.60
C PHE A 101 17.21 9.66 -18.10
N LEU A 102 16.47 10.66 -17.64
CA LEU A 102 16.39 10.90 -16.21
C LEU A 102 15.05 11.42 -15.75
N ILE A 103 14.45 10.76 -14.76
CA ILE A 103 13.28 11.28 -14.10
C ILE A 103 13.93 11.96 -12.89
N PRO A 104 14.06 13.28 -12.89
CA PRO A 104 14.71 14.01 -11.79
C PRO A 104 13.89 14.21 -10.48
N SER A 105 14.48 15.03 -9.54
CA SER A 105 14.02 15.37 -8.22
C SER A 105 14.62 16.65 -7.76
N ASP A 106 13.82 17.35 -7.10
CA ASP A 106 14.38 18.49 -6.57
C ASP A 106 13.83 18.65 -5.18
N ASP A 107 13.63 19.93 -4.88
CA ASP A 107 13.21 20.38 -3.55
C ASP A 107 12.13 19.47 -2.95
N GLY A 108 10.94 19.60 -3.51
CA GLY A 108 9.75 19.15 -2.81
C GLY A 108 9.41 17.70 -2.98
N LEU A 109 10.38 16.86 -3.33
CA LEU A 109 10.05 15.47 -3.61
C LEU A 109 9.47 14.83 -2.36
N SER A 110 9.77 15.39 -1.20
CA SER A 110 9.38 14.75 0.04
C SER A 110 7.90 14.97 0.35
N ASN A 111 7.24 15.82 -0.42
CA ASN A 111 5.81 15.95 -0.31
C ASN A 111 5.14 14.70 -0.81
N ALA A 112 5.92 13.78 -1.36
CA ALA A 112 5.39 12.53 -1.85
C ALA A 112 5.18 11.54 -0.71
N GLN A 113 5.66 11.88 0.47
CA GLN A 113 5.59 10.95 1.59
C GLN A 113 4.14 10.86 2.04
N GLU A 114 3.54 12.01 2.30
CA GLU A 114 2.12 12.08 2.66
C GLU A 114 1.26 11.42 1.59
N TYR A 115 1.42 11.83 0.34
CA TYR A 115 0.62 11.27 -0.74
C TYR A 115 0.72 9.75 -0.79
N LEU A 116 1.91 9.21 -0.58
CA LEU A 116 2.11 7.77 -0.73
C LEU A 116 1.50 6.99 0.43
N ALA A 117 1.77 7.45 1.65
CA ALA A 117 1.25 6.79 2.84
C ALA A 117 -0.27 6.77 2.83
N SER A 118 -0.87 7.94 2.68
CA SER A 118 -2.32 8.06 2.72
C SER A 118 -3.03 7.32 1.58
N SER A 119 -2.31 6.84 0.60
CA SER A 119 -2.97 6.15 -0.51
C SER A 119 -3.30 4.73 -0.11
N GLY A 120 -2.58 4.21 0.88
CA GLY A 120 -2.80 2.84 1.33
C GLY A 120 -2.13 1.79 0.48
N MSE A 121 -1.48 2.22 -0.59
CA MSE A 121 -0.73 1.31 -1.44
C MSE A 121 0.62 1.89 -1.89
O MSE A 121 1.11 1.58 -2.98
CB MSE A 121 -1.57 0.88 -2.65
CG MSE A 121 -2.81 0.07 -2.31
SE MSE A 121 -2.37 -1.62 -1.45
CE MSE A 121 -2.33 -2.84 -2.94
N GLY A 122 1.21 2.72 -1.06
CA GLY A 122 2.49 3.37 -1.36
C GLY A 122 3.53 2.51 -2.05
N ALA A 123 3.81 1.35 -1.48
CA ALA A 123 4.88 0.51 -1.98
C ALA A 123 4.69 0.05 -3.43
N VAL A 124 3.48 0.19 -3.98
CA VAL A 124 3.30 -0.20 -5.37
C VAL A 124 2.84 0.94 -6.27
N VAL A 125 2.78 2.15 -5.73
CA VAL A 125 2.45 3.34 -6.52
C VAL A 125 3.45 3.57 -7.66
N LEU A 126 4.74 3.68 -7.33
CA LEU A 126 5.77 3.86 -8.36
C LEU A 126 5.81 2.72 -9.38
N LYS A 127 5.72 1.48 -8.92
CA LYS A 127 5.64 0.32 -9.83
C LYS A 127 4.58 0.54 -10.91
N ALA A 128 3.46 1.10 -10.50
CA ALA A 128 2.34 1.37 -11.39
C ALA A 128 2.66 2.49 -12.35
N ARG A 129 3.00 3.67 -11.80
CA ARG A 129 3.46 4.84 -12.55
C ARG A 129 4.43 4.55 -13.71
N LEU A 130 5.31 3.58 -13.54
CA LEU A 130 6.37 3.30 -14.50
C LEU A 130 6.02 2.23 -15.53
N LYS A 131 4.92 1.51 -15.34
CA LYS A 131 4.55 0.46 -16.28
C LYS A 131 4.53 0.97 -17.74
N PRO A 132 3.86 2.10 -17.98
CA PRO A 132 3.76 2.65 -19.34
C PRO A 132 5.11 2.80 -20.04
N LEU A 133 6.16 3.14 -19.30
CA LEU A 133 7.49 3.32 -19.89
C LEU A 133 8.17 2.00 -20.22
N SER A 134 7.54 0.88 -19.86
CA SER A 134 8.19 -0.41 -19.96
C SER A 134 8.83 -0.68 -21.32
N GLU A 135 8.16 -0.23 -22.38
CA GLU A 135 8.57 -0.59 -23.73
C GLU A 135 9.68 0.29 -24.29
N TYR A 136 9.93 1.41 -23.62
CA TYR A 136 10.78 2.45 -24.15
C TYR A 136 12.25 2.36 -23.72
N PHE A 137 12.54 1.58 -22.69
CA PHE A 137 13.92 1.46 -22.18
C PHE A 137 14.28 0.02 -21.87
N ASP A 138 15.58 -0.27 -21.79
CA ASP A 138 16.05 -1.62 -21.49
C ASP A 138 16.28 -1.75 -20.00
N TYR A 139 16.66 -0.64 -19.38
CA TYR A 139 16.92 -0.61 -17.94
C TYR A 139 16.38 0.64 -17.29
N CYS A 140 16.00 0.48 -16.03
CA CYS A 140 15.66 1.58 -15.16
C CYS A 140 16.54 1.44 -13.92
N ILE A 141 17.27 2.49 -13.55
CA ILE A 141 18.13 2.46 -12.37
C ILE A 141 17.62 3.51 -11.40
N ILE A 142 17.19 3.05 -10.23
CA ILE A 142 16.62 3.92 -9.20
C ILE A 142 17.55 4.06 -8.02
N ASP A 143 17.84 5.32 -7.68
CA ASP A 143 18.68 5.65 -6.54
C ASP A 143 17.68 5.99 -5.43
N SER A 144 17.56 5.11 -4.43
CA SER A 144 16.52 5.29 -3.40
C SER A 144 17.03 6.11 -2.22
N PRO A 145 16.11 6.71 -1.46
CA PRO A 145 16.51 7.58 -0.35
C PRO A 145 17.15 6.76 0.74
N PRO A 146 17.96 7.41 1.59
CA PRO A 146 18.76 6.77 2.62
C PRO A 146 17.99 6.58 3.91
N ALA A 147 16.71 6.22 3.83
CA ALA A 147 15.94 5.92 5.03
C ALA A 147 14.79 4.97 4.73
N ARG A 148 14.10 4.53 5.79
CA ARG A 148 12.80 3.92 5.61
C ARG A 148 11.83 5.08 5.51
N THR A 149 11.39 5.34 4.29
CA THR A 149 10.41 6.40 3.99
C THR A 149 9.39 5.80 3.04
N GLN A 150 8.25 6.46 2.86
CA GLN A 150 7.26 5.95 1.91
C GLN A 150 7.93 5.76 0.57
N ILE A 151 8.59 6.80 0.11
CA ILE A 151 9.36 6.70 -1.10
C ILE A 151 10.24 5.50 -0.95
N SER A 152 11.00 5.43 0.13
CA SER A 152 11.99 4.36 0.22
C SER A 152 11.40 3.07 -0.17
N ILE A 153 10.17 2.91 0.24
CA ILE A 153 9.62 1.62 0.01
C ILE A 153 8.90 1.51 -1.33
N ALA A 154 8.53 2.63 -1.95
CA ALA A 154 7.92 2.59 -3.26
C ALA A 154 8.98 2.13 -4.28
N THR A 155 10.26 2.56 -4.09
CA THR A 155 11.32 2.13 -5.03
C THR A 155 11.52 0.63 -4.94
N ILE A 156 11.59 0.11 -3.72
CA ILE A 156 11.74 -1.33 -3.51
C ILE A 156 10.60 -2.11 -4.14
N GLY A 157 9.41 -1.56 -4.04
CA GLY A 157 8.23 -2.18 -4.63
C GLY A 157 8.34 -2.26 -6.16
N ALA A 158 8.86 -1.18 -6.75
CA ALA A 158 9.02 -1.10 -8.20
C ALA A 158 10.08 -2.02 -8.77
N ALA A 159 10.91 -2.63 -7.92
CA ALA A 159 12.10 -3.34 -8.40
C ALA A 159 11.88 -4.72 -8.95
N ASP A 160 12.53 -5.00 -10.08
CA ASP A 160 12.64 -6.35 -10.60
C ASP A 160 13.86 -6.98 -9.95
N GLN A 161 14.93 -6.20 -9.82
CA GLN A 161 16.13 -6.66 -9.11
C GLN A 161 16.54 -5.60 -8.11
N LEU A 162 17.02 -6.04 -6.96
CA LEU A 162 17.40 -5.13 -5.90
C LEU A 162 18.86 -5.32 -5.58
N LEU A 163 19.60 -4.22 -5.55
CA LEU A 163 21.01 -4.28 -5.20
C LEU A 163 21.24 -3.43 -3.94
N ILE A 164 21.86 -4.02 -2.94
CA ILE A 164 22.00 -3.40 -1.63
C ILE A 164 23.47 -3.04 -1.35
N PRO A 165 23.82 -1.75 -1.46
CA PRO A 165 25.17 -1.41 -1.02
C PRO A 165 25.23 -1.39 0.50
N ALA A 166 26.36 -1.78 1.07
CA ALA A 166 26.51 -1.77 2.51
C ALA A 166 27.94 -1.38 2.88
N GLU A 167 28.06 -0.38 3.76
CA GLU A 167 29.38 0.10 4.20
C GLU A 167 30.13 -1.04 4.87
N ALA A 168 31.40 -1.23 4.54
CA ALA A 168 32.13 -2.32 5.15
C ALA A 168 32.55 -1.92 6.57
N SER A 169 31.58 -2.04 7.47
CA SER A 169 31.67 -1.53 8.84
C SER A 169 30.51 -2.12 9.61
N THR A 170 30.54 -2.06 10.93
CA THR A 170 29.45 -2.60 11.71
C THR A 170 28.13 -1.89 11.39
N LYS A 171 28.17 -0.56 11.31
CA LYS A 171 26.97 0.19 10.93
C LYS A 171 26.40 -0.34 9.62
N GLY A 172 27.29 -0.73 8.72
CA GLY A 172 26.87 -1.24 7.44
C GLY A 172 26.21 -2.59 7.53
N VAL A 173 26.69 -3.43 8.44
CA VAL A 173 26.10 -4.75 8.59
C VAL A 173 24.70 -4.65 9.16
N ASN A 174 24.54 -3.76 10.16
CA ASN A 174 23.22 -3.55 10.77
C ASN A 174 22.22 -2.99 9.77
N SER A 175 22.70 -2.12 8.89
CA SER A 175 21.85 -1.58 7.83
C SER A 175 21.43 -2.65 6.81
N LEU A 176 22.37 -3.50 6.42
CA LEU A 176 22.04 -4.61 5.55
C LEU A 176 20.91 -5.44 6.18
N ILE A 177 20.97 -5.61 7.51
CA ILE A 177 20.01 -6.45 8.21
C ILE A 177 18.62 -5.82 8.27
N ARG A 178 18.56 -4.54 8.59
CA ARG A 178 17.30 -3.84 8.59
C ARG A 178 16.72 -3.79 7.19
N THR A 179 17.58 -3.70 6.19
CA THR A 179 17.07 -3.62 4.83
C THR A 179 16.43 -4.94 4.40
N LEU A 180 17.07 -6.05 4.77
CA LEU A 180 16.55 -7.35 4.38
C LEU A 180 15.22 -7.64 5.08
N GLU A 181 15.05 -7.08 6.27
CA GLU A 181 13.81 -7.34 6.99
C GLU A 181 12.69 -6.47 6.44
N ILE A 182 13.04 -5.28 5.93
CA ILE A 182 12.06 -4.43 5.25
C ILE A 182 11.62 -5.05 3.94
N VAL A 183 12.58 -5.62 3.22
CA VAL A 183 12.26 -6.27 1.95
C VAL A 183 11.35 -7.46 2.21
N GLN A 184 11.71 -8.26 3.19
CA GLN A 184 10.92 -9.46 3.45
C GLN A 184 9.47 -9.11 3.76
N SER A 185 9.26 -8.02 4.47
CA SER A 185 7.91 -7.69 4.89
C SER A 185 7.11 -7.16 3.70
N LEU A 186 7.81 -6.52 2.76
CA LEU A 186 7.15 -6.07 1.53
C LEU A 186 6.86 -7.24 0.61
N GLU A 187 7.75 -8.24 0.64
CA GLU A 187 7.47 -9.45 -0.11
C GLU A 187 6.23 -10.15 0.43
N LYS A 188 6.15 -10.34 1.74
CA LYS A 188 4.98 -10.99 2.35
C LYS A 188 3.69 -10.26 1.99
N LEU A 189 3.75 -8.93 1.91
CA LEU A 189 2.56 -8.13 1.58
C LEU A 189 2.25 -8.05 0.09
N GLY A 190 3.15 -8.59 -0.75
CA GLY A 190 2.96 -8.59 -2.20
C GLY A 190 3.46 -7.38 -2.98
N ALA A 191 4.12 -6.45 -2.29
CA ALA A 191 4.68 -5.25 -2.93
C ALA A 191 5.96 -5.58 -3.70
N PHE A 192 6.84 -6.33 -3.06
CA PHE A 192 8.09 -6.71 -3.68
C PHE A 192 7.95 -8.08 -4.34
N THR A 193 8.05 -8.08 -5.66
CA THR A 193 7.89 -9.29 -6.45
C THR A 193 9.18 -9.66 -7.18
N GLY A 194 10.21 -8.86 -6.98
CA GLY A 194 11.48 -9.10 -7.65
C GLY A 194 12.39 -10.02 -6.88
N SER A 195 13.64 -10.11 -7.31
CA SER A 195 14.63 -10.88 -6.58
C SER A 195 15.78 -9.97 -6.13
N ILE A 196 16.64 -10.48 -5.25
CA ILE A 196 17.74 -9.67 -4.75
C ILE A 196 19.01 -10.04 -5.50
N LEU A 197 19.53 -9.06 -6.25
CA LEU A 197 20.69 -9.28 -7.09
C LEU A 197 21.89 -9.62 -6.21
N GLY A 198 21.99 -8.90 -5.09
CA GLY A 198 23.09 -9.10 -4.18
C GLY A 198 23.46 -7.90 -3.34
N VAL A 199 24.51 -8.05 -2.55
CA VAL A 199 25.03 -6.97 -1.73
C VAL A 199 26.35 -6.51 -2.33
N ILE A 200 26.58 -5.21 -2.34
CA ILE A 200 27.87 -4.69 -2.76
C ILE A 200 28.49 -3.83 -1.67
N PRO A 201 29.49 -4.37 -0.98
CA PRO A 201 30.09 -3.63 0.13
C PRO A 201 30.81 -2.41 -0.37
N PHE A 202 30.80 -1.33 0.41
CA PHE A 202 31.50 -0.14 -0.01
C PHE A 202 32.29 0.51 1.12
N ARG A 203 33.14 1.48 0.77
CA ARG A 203 34.03 2.09 1.74
C ARG A 203 34.85 0.99 2.43
N ASP A 204 35.26 0.01 1.64
CA ASP A 204 36.14 -1.07 2.08
C ASP A 204 37.58 -0.52 2.17
N LYS A 205 38.08 -0.34 3.39
CA LYS A 205 39.42 0.25 3.57
C LYS A 205 40.59 -0.74 3.48
N TRP A 206 41.52 -0.43 2.58
CA TRP A 206 42.76 -1.18 2.45
C TRP A 206 43.96 -0.28 2.76
N PHE A 207 44.95 -0.87 3.43
CA PHE A 207 46.21 -0.18 3.69
C PHE A 207 47.28 -0.84 2.85
N GLY A 208 47.33 -0.42 1.58
CA GLY A 208 48.11 -1.12 0.59
C GLY A 208 47.69 -2.58 0.46
N LEU A 209 48.56 -3.49 0.86
CA LEU A 209 48.38 -4.91 0.61
C LEU A 209 47.56 -5.62 1.68
N SER A 210 47.31 -4.94 2.80
CA SER A 210 46.53 -5.50 3.91
C SER A 210 45.24 -4.70 4.14
N GLN A 211 44.10 -5.38 4.20
CA GLN A 211 42.86 -4.65 4.41
C GLN A 211 42.56 -4.44 5.89
N SER A 212 41.88 -3.35 6.18
CA SER A 212 41.42 -3.05 7.51
C SER A 212 40.72 -4.26 8.10
N LYS A 213 41.23 -4.77 9.20
CA LYS A 213 40.54 -5.83 9.94
C LYS A 213 39.06 -5.52 10.16
N ASP A 214 38.74 -4.24 10.37
CA ASP A 214 37.35 -3.83 10.62
C ASP A 214 36.48 -4.07 9.38
N SER A 215 36.99 -3.70 8.22
CA SER A 215 36.31 -3.97 6.95
C SER A 215 36.24 -5.45 6.62
N ALA A 216 37.31 -6.18 6.88
CA ALA A 216 37.32 -7.60 6.60
C ALA A 216 36.24 -8.29 7.42
N GLY A 217 36.09 -7.85 8.67
CA GLY A 217 35.13 -8.44 9.57
C GLY A 217 33.70 -8.15 9.19
N ALA A 218 33.41 -6.89 8.84
CA ALA A 218 32.07 -6.50 8.43
C ALA A 218 31.64 -7.31 7.22
N ILE A 219 32.50 -7.36 6.21
CA ILE A 219 32.22 -8.12 5.00
C ILE A 219 32.09 -9.62 5.28
N ALA A 220 32.87 -10.13 6.22
CA ALA A 220 32.74 -11.53 6.56
C ALA A 220 31.40 -11.78 7.25
N ALA A 221 30.94 -10.77 8.00
CA ALA A 221 29.69 -10.87 8.74
C ALA A 221 28.50 -10.68 7.81
N MSE A 222 28.74 -10.07 6.66
CA MSE A 222 27.67 -9.92 5.68
C MSE A 222 27.32 -11.30 5.15
O MSE A 222 26.15 -11.64 5.05
CB MSE A 222 28.07 -8.97 4.55
CG MSE A 222 27.69 -7.52 4.82
SE MSE A 222 28.63 -6.19 3.75
CE MSE A 222 28.76 -7.28 2.16
N LYS A 223 28.35 -12.09 4.84
CA LYS A 223 28.15 -13.41 4.25
C LYS A 223 27.51 -14.35 5.26
N GLU A 224 27.56 -13.97 6.53
CA GLU A 224 27.06 -14.81 7.60
C GLU A 224 25.59 -14.47 7.84
N VAL A 225 25.32 -13.21 8.10
CA VAL A 225 23.95 -12.71 8.17
C VAL A 225 23.09 -13.17 6.99
N ALA A 226 23.65 -13.12 5.78
CA ALA A 226 22.88 -13.40 4.59
C ALA A 226 23.60 -14.38 3.67
N PRO A 227 23.68 -15.64 4.10
CA PRO A 227 24.45 -16.64 3.35
C PRO A 227 23.82 -16.96 2.00
N GLN A 228 22.57 -16.55 1.81
CA GLN A 228 21.83 -16.85 0.59
C GLN A 228 22.15 -15.84 -0.50
N LEU A 229 22.64 -14.68 -0.08
CA LEU A 229 22.85 -13.55 -0.98
C LEU A 229 24.22 -13.56 -1.62
N ARG A 230 24.32 -13.01 -2.82
CA ARG A 230 25.61 -12.86 -3.48
C ARG A 230 26.27 -11.59 -3.01
N ILE A 231 27.54 -11.70 -2.64
CA ILE A 231 28.30 -10.55 -2.21
C ILE A 231 29.33 -10.20 -3.28
N PHE A 232 29.11 -9.06 -3.94
CA PHE A 232 29.97 -8.62 -5.02
C PHE A 232 31.34 -8.14 -4.54
N PRO A 233 32.34 -8.22 -5.43
CA PRO A 233 33.57 -7.46 -5.25
C PRO A 233 33.19 -6.08 -4.78
N SER A 234 33.95 -5.57 -3.82
CA SER A 234 33.63 -4.34 -3.13
C SER A 234 34.23 -3.11 -3.76
N ILE A 235 33.67 -1.99 -3.34
CA ILE A 235 34.08 -0.68 -3.76
C ILE A 235 35.10 -0.16 -2.73
N LEU A 236 36.38 -0.11 -3.10
CA LEU A 236 37.40 0.40 -2.18
C LEU A 236 37.07 1.79 -1.73
N GLU A 237 37.49 2.14 -0.53
CA GLU A 237 37.39 3.51 -0.10
C GLU A 237 38.32 4.28 -0.99
N SER A 238 37.84 5.37 -1.56
CA SER A 238 38.67 6.16 -2.45
C SER A 238 38.02 7.48 -2.80
N GLU A 239 38.83 8.52 -2.90
CA GLU A 239 38.28 9.81 -3.26
C GLU A 239 37.96 9.87 -4.76
N ARG A 240 38.41 8.88 -5.52
CA ARG A 240 38.26 8.93 -6.97
C ARG A 240 36.80 8.96 -7.37
N TYR A 241 35.99 8.16 -6.70
CA TYR A 241 34.57 8.13 -6.96
C TYR A 241 34.02 9.55 -6.96
N LYS A 242 34.35 10.32 -5.94
CA LYS A 242 33.84 11.69 -5.83
C LYS A 242 34.41 12.60 -6.94
N GLN A 243 35.67 12.36 -7.29
CA GLN A 243 36.33 13.12 -8.35
C GLN A 243 35.66 12.92 -9.71
N ALA A 244 35.43 11.66 -10.10
CA ALA A 244 34.77 11.36 -11.36
C ALA A 244 33.36 11.90 -11.36
N LEU A 245 32.63 11.57 -10.29
CA LEU A 245 31.27 12.08 -10.11
C LEU A 245 31.24 13.59 -10.34
N ASN A 246 32.17 14.32 -9.74
CA ASN A 246 32.17 15.77 -9.86
C ASN A 246 32.30 16.28 -11.28
N GLN A 247 33.03 15.56 -12.13
CA GLN A 247 33.24 15.99 -13.51
C GLN A 247 32.33 15.23 -14.48
N GLY A 248 31.51 14.35 -13.92
CA GLY A 248 30.50 13.67 -14.70
C GLY A 248 31.04 12.62 -15.66
N ILE A 249 32.11 11.93 -15.28
CA ILE A 249 32.68 10.94 -16.17
C ILE A 249 32.91 9.60 -15.48
N LEU A 250 33.17 8.56 -16.26
CA LEU A 250 33.49 7.26 -15.70
C LEU A 250 34.85 7.31 -15.01
N LEU A 251 35.13 6.29 -14.21
CA LEU A 251 36.40 6.21 -13.50
C LEU A 251 37.51 5.82 -14.46
N SER A 252 37.18 4.99 -15.45
CA SER A 252 38.13 4.57 -16.49
C SER A 252 38.51 5.76 -17.36
N GLU A 253 37.55 6.59 -17.69
CA GLU A 253 37.85 7.82 -18.39
C GLU A 253 38.72 8.75 -17.54
N LEU A 254 38.50 8.77 -16.23
CA LEU A 254 39.29 9.66 -15.38
C LEU A 254 40.71 9.13 -15.27
N GLY A 255 40.87 7.83 -15.49
CA GLY A 255 42.19 7.23 -15.50
C GLY A 255 42.39 6.13 -14.49
N TYR A 256 41.30 5.63 -13.91
CA TYR A 256 41.43 4.67 -12.81
C TYR A 256 40.47 3.49 -12.98
N PRO A 257 40.70 2.66 -14.00
CA PRO A 257 39.76 1.63 -14.45
C PRO A 257 39.59 0.48 -13.45
N ASP A 258 40.58 0.27 -12.60
CA ASP A 258 40.49 -0.78 -11.61
C ASP A 258 39.27 -0.55 -10.70
N LEU A 259 39.09 0.71 -10.29
CA LEU A 259 37.98 1.10 -9.43
C LEU A 259 36.61 0.84 -10.05
N GLU A 260 36.59 0.68 -11.37
CA GLU A 260 35.36 0.49 -12.12
C GLU A 260 34.94 -0.97 -12.14
N LYS A 261 35.84 -1.84 -11.69
CA LYS A 261 35.62 -3.27 -11.82
C LYS A 261 34.37 -3.79 -11.11
N PRO A 262 34.18 -3.42 -9.84
CA PRO A 262 33.00 -3.89 -9.11
C PRO A 262 31.68 -3.47 -9.74
N PHE A 263 31.69 -2.40 -10.53
CA PHE A 263 30.46 -2.00 -11.21
C PHE A 263 30.28 -2.84 -12.47
N GLU A 264 31.37 -3.08 -13.17
CA GLU A 264 31.38 -4.03 -14.28
C GLU A 264 30.82 -5.37 -13.84
N GLY A 265 31.27 -5.85 -12.67
CA GLY A 265 30.79 -7.11 -12.14
C GLY A 265 29.28 -7.19 -12.02
N VAL A 266 28.65 -6.08 -11.63
CA VAL A 266 27.19 -6.01 -11.48
C VAL A 266 26.52 -6.06 -12.85
N LYS A 267 27.06 -5.30 -13.80
CA LYS A 267 26.54 -5.29 -15.17
C LYS A 267 26.53 -6.71 -15.72
N GLU A 268 27.64 -7.40 -15.52
CA GLU A 268 27.79 -8.74 -16.06
C GLU A 268 26.80 -9.73 -15.42
N ALA A 269 26.22 -9.36 -14.29
CA ALA A 269 25.30 -10.26 -13.59
C ALA A 269 23.86 -9.96 -13.98
N LEU A 270 23.66 -8.86 -14.71
CA LEU A 270 22.35 -8.53 -15.22
C LEU A 270 22.11 -9.12 -16.62
N GLY A 271 23.19 -9.48 -17.31
CA GLY A 271 23.09 -9.97 -18.68
C GLY A 271 23.03 -11.47 -18.73
N HIS B 20 -15.13 -21.59 2.14
CA HIS B 20 -14.75 -20.50 1.24
C HIS B 20 -15.47 -19.17 1.56
N MSE B 21 -15.04 -18.55 2.66
CA MSE B 21 -15.62 -17.32 3.23
C MSE B 21 -15.78 -16.18 2.25
O MSE B 21 -14.84 -15.88 1.50
CB MSE B 21 -14.69 -16.83 4.34
CG MSE B 21 -15.14 -15.63 5.10
SE MSE B 21 -13.76 -15.09 6.40
CE MSE B 21 -14.83 -14.95 7.93
N LYS B 22 -16.95 -15.53 2.25
CA LYS B 22 -17.16 -14.32 1.45
C LYS B 22 -17.16 -13.07 2.34
N THR B 23 -16.15 -12.23 2.16
CA THR B 23 -16.02 -11.04 2.98
C THR B 23 -16.88 -9.92 2.42
N LEU B 24 -17.72 -9.40 3.28
CA LEU B 24 -18.74 -8.47 2.90
C LEU B 24 -18.54 -7.25 3.79
N VAL B 25 -18.29 -6.09 3.18
CA VAL B 25 -17.90 -4.92 3.96
C VAL B 25 -18.92 -3.82 3.88
N ILE B 26 -19.32 -3.28 5.03
CA ILE B 26 -20.26 -2.18 5.05
C ILE B 26 -19.47 -0.89 5.19
N ALA B 27 -19.44 -0.09 4.13
CA ALA B 27 -18.58 1.10 4.09
C ALA B 27 -19.35 2.30 3.59
N SER B 28 -19.11 3.43 4.23
CA SER B 28 -19.73 4.69 3.85
C SER B 28 -19.02 5.76 4.69
N LEU B 29 -18.31 6.67 4.03
CA LEU B 29 -17.36 7.53 4.72
C LEU B 29 -17.95 8.52 5.72
N SER B 30 -19.16 9.03 5.49
CA SER B 30 -19.75 9.95 6.47
C SER B 30 -20.24 9.20 7.71
N GLY B 31 -20.51 9.94 8.78
CA GLY B 31 -21.05 9.38 10.01
C GLY B 31 -22.56 9.29 9.96
N GLY B 32 -23.13 8.36 10.73
CA GLY B 32 -24.58 8.19 10.81
C GLY B 32 -25.22 7.80 9.49
N GLN B 33 -24.57 6.89 8.77
CA GLN B 33 -25.03 6.48 7.45
C GLN B 33 -25.73 5.13 7.47
N GLY B 34 -25.66 4.43 8.60
CA GLY B 34 -26.33 3.15 8.75
C GLY B 34 -25.39 1.97 8.64
N LYS B 35 -24.10 2.21 8.81
CA LYS B 35 -23.10 1.16 8.69
C LYS B 35 -23.34 0.09 9.73
N THR B 36 -23.27 0.50 10.99
CA THR B 36 -23.39 -0.43 12.12
C THR B 36 -24.74 -1.13 12.18
N THR B 37 -25.80 -0.33 12.02
CA THR B 37 -27.15 -0.87 11.90
C THR B 37 -27.20 -1.96 10.83
N THR B 38 -26.72 -1.64 9.63
CA THR B 38 -26.73 -2.61 8.55
C THR B 38 -25.90 -3.85 8.86
N ALA B 39 -24.70 -3.64 9.40
CA ALA B 39 -23.81 -4.77 9.69
C ALA B 39 -24.48 -5.73 10.66
N PHE B 40 -25.04 -5.17 11.72
CA PHE B 40 -25.69 -5.95 12.76
C PHE B 40 -26.83 -6.81 12.21
N PHE B 41 -27.90 -6.17 11.73
CA PHE B 41 -29.07 -6.91 11.26
C PHE B 41 -28.81 -7.87 10.10
N LEU B 42 -27.97 -7.47 9.14
CA LEU B 42 -27.64 -8.35 8.01
C LEU B 42 -26.89 -9.58 8.46
N GLY B 43 -25.98 -9.38 9.41
CA GLY B 43 -25.12 -10.46 9.86
C GLY B 43 -25.98 -11.46 10.57
N LYS B 44 -26.86 -10.97 11.42
CA LYS B 44 -27.80 -11.83 12.13
C LYS B 44 -28.69 -12.60 11.16
N LEU B 45 -29.34 -11.90 10.22
CA LEU B 45 -30.08 -12.58 9.17
C LEU B 45 -29.30 -13.71 8.50
N LEU B 46 -28.06 -13.42 8.09
CA LEU B 46 -27.26 -14.41 7.38
C LEU B 46 -26.92 -15.63 8.24
N SER B 47 -26.89 -15.43 9.56
CA SER B 47 -26.54 -16.52 10.48
C SER B 47 -27.70 -17.47 10.78
N GLN B 48 -28.84 -17.25 10.14
CA GLN B 48 -29.95 -18.17 10.27
C GLN B 48 -29.73 -19.40 9.40
N SER B 49 -28.72 -19.34 8.54
CA SER B 49 -28.48 -20.41 7.58
C SER B 49 -26.99 -20.55 7.24
N ALA B 50 -26.16 -19.73 7.89
CA ALA B 50 -24.73 -19.71 7.56
C ALA B 50 -23.86 -19.25 8.71
N LYS B 51 -22.59 -19.68 8.68
CA LYS B 51 -21.61 -19.31 9.68
C LYS B 51 -21.03 -17.93 9.36
N VAL B 52 -21.28 -16.98 10.26
CA VAL B 52 -21.02 -15.56 10.04
C VAL B 52 -19.95 -15.03 11.02
N LEU B 53 -19.02 -14.24 10.51
CA LEU B 53 -17.98 -13.62 11.34
C LEU B 53 -18.09 -12.13 11.30
N PHE B 54 -18.60 -11.54 12.37
CA PHE B 54 -18.65 -10.09 12.48
C PHE B 54 -17.25 -9.58 12.78
N ILE B 55 -16.91 -8.42 12.22
CA ILE B 55 -15.67 -7.73 12.58
C ILE B 55 -15.99 -6.27 12.82
N ASP B 56 -15.62 -5.76 13.99
CA ASP B 56 -15.88 -4.37 14.31
C ASP B 56 -14.62 -3.55 14.05
N ALA B 57 -14.60 -2.79 12.96
CA ALA B 57 -13.41 -2.01 12.61
C ALA B 57 -13.54 -0.56 12.98
N ASP B 58 -14.59 -0.20 13.68
CA ASP B 58 -14.75 1.18 14.16
C ASP B 58 -14.22 1.23 15.59
N PRO B 59 -13.28 2.14 15.87
CA PRO B 59 -12.78 2.28 17.24
C PRO B 59 -13.85 2.74 18.25
N GLN B 60 -14.97 3.29 17.80
CA GLN B 60 -16.09 3.60 18.70
C GLN B 60 -16.70 2.30 19.25
N SER B 61 -16.57 1.22 18.47
CA SER B 61 -16.90 -0.13 18.93
C SER B 61 -18.38 -0.38 19.21
N ASN B 62 -19.27 0.23 18.43
CA ASN B 62 -20.69 -0.02 18.63
C ASN B 62 -21.11 -1.44 18.32
N LEU B 63 -20.74 -1.95 17.14
CA LEU B 63 -21.07 -3.32 16.77
C LEU B 63 -20.74 -4.27 17.93
N THR B 64 -19.51 -4.15 18.46
CA THR B 64 -19.07 -4.99 19.58
C THR B 64 -20.06 -4.94 20.74
N PHE B 65 -20.45 -3.72 21.12
CA PHE B 65 -21.41 -3.50 22.20
C PHE B 65 -22.74 -4.20 21.94
N PHE B 66 -23.35 -3.89 20.80
CA PHE B 66 -24.68 -4.41 20.47
C PHE B 66 -24.72 -5.92 20.37
N LEU B 67 -23.60 -6.54 20.03
CA LEU B 67 -23.55 -8.00 20.00
C LEU B 67 -23.24 -8.48 21.42
N GLY B 68 -23.23 -7.53 22.35
CA GLY B 68 -23.04 -7.85 23.76
C GLY B 68 -21.80 -8.66 23.99
N HIS B 69 -20.67 -7.99 23.82
CA HIS B 69 -19.36 -8.55 24.06
C HIS B 69 -18.57 -7.48 24.76
N GLU B 70 -17.89 -7.87 25.83
CA GLU B 70 -17.07 -6.91 26.55
C GLU B 70 -15.65 -7.35 26.32
N VAL B 71 -14.80 -6.40 25.98
CA VAL B 71 -13.40 -6.74 25.75
C VAL B 71 -12.66 -6.84 27.07
N GLU B 72 -12.38 -8.06 27.49
CA GLU B 72 -11.63 -8.29 28.74
C GLU B 72 -10.22 -7.71 28.61
N PRO B 73 -9.66 -7.23 29.74
CA PRO B 73 -8.41 -6.45 29.74
C PRO B 73 -7.26 -6.96 28.85
N SER B 74 -6.77 -8.17 29.04
CA SER B 74 -5.58 -8.52 28.24
C SER B 74 -5.93 -9.28 26.95
N ALA B 75 -7.13 -9.04 26.44
CA ALA B 75 -7.65 -9.86 25.36
C ALA B 75 -7.39 -9.26 23.99
N PRO B 76 -7.01 -10.11 23.04
CA PRO B 76 -6.76 -9.84 21.62
C PRO B 76 -7.98 -9.25 20.95
N THR B 77 -7.87 -8.08 20.33
CA THR B 77 -8.97 -7.52 19.55
C THR B 77 -8.55 -7.48 18.08
N LEU B 78 -9.21 -6.65 17.28
CA LEU B 78 -8.85 -6.54 15.86
C LEU B 78 -7.44 -5.98 15.75
N LEU B 79 -7.10 -5.07 16.66
CA LEU B 79 -5.81 -4.40 16.61
C LEU B 79 -4.64 -5.35 16.62
N GLU B 80 -4.64 -6.28 17.57
CA GLU B 80 -3.55 -7.24 17.67
C GLU B 80 -3.49 -8.14 16.43
N LEU B 81 -4.63 -8.33 15.78
CA LEU B 81 -4.68 -9.13 14.57
C LEU B 81 -4.04 -8.37 13.43
N ILE B 82 -4.49 -7.14 13.22
CA ILE B 82 -3.92 -6.30 12.18
C ILE B 82 -2.41 -6.25 12.34
N LYS B 83 -1.93 -5.77 13.50
CA LYS B 83 -0.49 -5.66 13.79
C LYS B 83 0.28 -6.98 13.83
N ASP B 84 -0.40 -8.07 13.48
CA ASP B 84 0.19 -9.41 13.48
C ASP B 84 0.90 -9.80 14.77
N MSE B 85 0.30 -9.45 15.89
CA MSE B 85 0.86 -9.79 17.19
C MSE B 85 0.30 -11.09 17.71
O MSE B 85 0.78 -11.62 18.70
CB MSE B 85 0.58 -8.68 18.18
CG MSE B 85 1.03 -7.36 17.67
SE MSE B 85 0.73 -5.98 18.99
CE MSE B 85 2.21 -6.48 20.16
N VAL B 86 -0.70 -11.62 17.02
CA VAL B 86 -1.41 -12.78 17.48
C VAL B 86 -1.99 -13.51 16.26
N GLU B 87 -2.06 -14.84 16.29
CA GLU B 87 -2.65 -15.56 15.17
C GLU B 87 -4.13 -15.20 15.04
N PRO B 88 -4.67 -15.20 13.82
CA PRO B 88 -6.02 -14.70 13.55
C PRO B 88 -7.08 -15.36 14.45
N ALA B 89 -7.06 -16.69 14.46
CA ALA B 89 -7.96 -17.45 15.30
C ALA B 89 -8.05 -16.95 16.76
N ASP B 90 -6.94 -16.45 17.30
CA ASP B 90 -6.90 -16.01 18.69
C ASP B 90 -7.60 -14.68 18.93
N ALA B 91 -8.20 -14.12 17.89
CA ALA B 91 -8.92 -12.85 18.04
C ALA B 91 -10.38 -13.02 17.69
N VAL B 92 -10.76 -14.25 17.34
CA VAL B 92 -12.15 -14.60 17.07
C VAL B 92 -12.80 -15.16 18.34
N TYR B 93 -13.93 -14.56 18.74
CA TYR B 93 -14.68 -15.01 19.91
C TYR B 93 -16.02 -15.59 19.52
N SER B 94 -16.40 -16.73 20.11
CA SER B 94 -17.72 -17.29 19.85
C SER B 94 -18.76 -16.51 20.64
N LEU B 95 -19.94 -16.34 20.06
CA LEU B 95 -21.06 -15.65 20.71
C LEU B 95 -22.17 -16.63 21.08
N ALA B 96 -23.28 -16.10 21.60
CA ALA B 96 -24.43 -16.92 21.95
C ALA B 96 -24.80 -17.88 20.82
N ASN B 97 -25.27 -17.30 19.70
CA ASN B 97 -25.59 -18.08 18.51
C ASN B 97 -24.44 -18.95 18.04
N SER B 98 -24.73 -20.21 17.75
CA SER B 98 -23.68 -21.12 17.29
C SER B 98 -23.16 -20.77 15.90
N ASN B 99 -23.83 -19.84 15.23
CA ASN B 99 -23.48 -19.45 13.88
C ASN B 99 -22.89 -18.04 13.81
N GLN B 100 -22.56 -17.47 14.97
CA GLN B 100 -22.14 -16.08 15.06
C GLN B 100 -20.85 -15.93 15.86
N PHE B 101 -19.81 -15.42 15.21
CA PHE B 101 -18.55 -15.11 15.89
C PHE B 101 -18.18 -13.65 15.70
N LEU B 102 -17.22 -13.16 16.48
CA LEU B 102 -16.87 -11.74 16.44
C LEU B 102 -15.40 -11.52 16.66
N ILE B 103 -14.80 -10.64 15.85
CA ILE B 103 -13.49 -10.08 16.15
C ILE B 103 -13.77 -8.66 16.59
N PRO B 104 -13.56 -8.37 17.87
CA PRO B 104 -14.04 -7.11 18.44
C PRO B 104 -13.04 -5.97 18.35
N SER B 105 -13.45 -4.80 18.81
CA SER B 105 -12.57 -3.66 18.88
C SER B 105 -12.78 -2.87 20.17
N ASP B 106 -11.86 -1.96 20.47
CA ASP B 106 -11.98 -1.02 21.60
C ASP B 106 -11.38 0.30 21.12
N ASP B 107 -11.40 1.35 21.94
CA ASP B 107 -10.95 2.65 21.42
C ASP B 107 -9.47 2.65 21.05
N GLY B 108 -8.74 1.63 21.50
CA GLY B 108 -7.34 1.49 21.15
C GLY B 108 -7.06 0.99 19.73
N LEU B 109 -8.11 0.74 18.96
CA LEU B 109 -7.93 0.26 17.59
C LEU B 109 -7.23 1.30 16.74
N SER B 110 -7.42 2.58 17.07
CA SER B 110 -6.87 3.64 16.26
C SER B 110 -5.33 3.64 16.27
N ASN B 111 -4.73 2.83 17.13
CA ASN B 111 -3.29 2.63 17.07
C ASN B 111 -2.85 1.86 15.83
N ALA B 112 -3.80 1.34 15.08
CA ALA B 112 -3.47 0.63 13.86
C ALA B 112 -3.24 1.61 12.73
N GLN B 113 -3.69 2.85 12.90
CA GLN B 113 -3.54 3.86 11.86
C GLN B 113 -2.09 3.88 11.40
N GLU B 114 -1.19 4.24 12.31
CA GLU B 114 0.22 4.33 11.97
C GLU B 114 0.81 2.99 11.48
N TYR B 115 0.44 1.88 12.10
CA TYR B 115 1.01 0.58 11.66
C TYR B 115 0.71 0.35 10.20
N LEU B 116 -0.54 0.59 9.83
CA LEU B 116 -0.99 0.35 8.48
C LEU B 116 -0.33 1.31 7.52
N ALA B 117 -0.33 2.59 7.87
CA ALA B 117 0.27 3.58 6.98
C ALA B 117 1.73 3.25 6.72
N SER B 118 2.50 3.01 7.77
CA SER B 118 3.93 2.84 7.56
C SER B 118 4.27 1.52 6.88
N SER B 119 3.28 0.65 6.68
CA SER B 119 3.55 -0.64 6.05
C SER B 119 3.66 -0.46 4.54
N GLY B 120 3.18 0.68 4.05
CA GLY B 120 3.11 0.92 2.63
C GLY B 120 2.16 0.00 1.89
N MSE B 121 1.37 -0.77 2.62
CA MSE B 121 0.41 -1.67 1.99
C MSE B 121 -0.89 -1.81 2.79
O MSE B 121 -1.56 -2.84 2.72
CB MSE B 121 1.02 -3.04 1.73
CG MSE B 121 2.15 -3.02 0.69
SE MSE B 121 1.55 -2.52 -1.11
CE MSE B 121 1.18 -4.28 -1.84
N GLY B 122 -1.22 -0.76 3.54
CA GLY B 122 -2.37 -0.75 4.43
C GLY B 122 -3.61 -1.38 3.85
N ALA B 123 -4.01 -0.94 2.66
CA ALA B 123 -5.24 -1.39 2.03
C ALA B 123 -5.33 -2.89 1.78
N VAL B 124 -4.25 -3.64 2.01
CA VAL B 124 -4.35 -5.09 1.88
C VAL B 124 -3.78 -5.83 3.09
N VAL B 125 -3.54 -5.09 4.16
CA VAL B 125 -3.08 -5.70 5.39
C VAL B 125 -4.19 -6.56 5.96
N LEU B 126 -5.33 -5.95 6.23
CA LEU B 126 -6.48 -6.67 6.77
C LEU B 126 -6.86 -7.85 5.88
N LYS B 127 -6.96 -7.61 4.58
CA LYS B 127 -7.28 -8.68 3.63
C LYS B 127 -6.35 -9.88 3.79
N ALA B 128 -5.09 -9.63 4.08
CA ALA B 128 -4.12 -10.71 4.16
C ALA B 128 -4.28 -11.46 5.47
N ARG B 129 -4.63 -10.70 6.49
CA ARG B 129 -4.72 -11.20 7.85
C ARG B 129 -5.94 -12.12 8.04
N LEU B 130 -7.01 -11.83 7.30
CA LEU B 130 -8.22 -12.64 7.35
C LEU B 130 -8.12 -13.93 6.52
N LYS B 131 -7.15 -14.03 5.62
CA LYS B 131 -7.11 -15.19 4.73
C LYS B 131 -7.18 -16.55 5.46
N PRO B 132 -6.34 -16.74 6.48
CA PRO B 132 -6.28 -18.02 7.21
C PRO B 132 -7.60 -18.44 7.85
N LEU B 133 -8.58 -17.53 7.95
CA LEU B 133 -9.89 -17.86 8.51
C LEU B 133 -10.87 -18.38 7.47
N SER B 134 -10.52 -18.20 6.19
CA SER B 134 -11.40 -18.50 5.06
C SER B 134 -12.24 -19.77 5.11
N GLU B 135 -11.66 -20.90 5.47
CA GLU B 135 -12.41 -22.16 5.41
C GLU B 135 -13.22 -22.43 6.66
N TYR B 136 -13.26 -21.48 7.58
CA TYR B 136 -13.98 -21.70 8.84
C TYR B 136 -15.29 -20.91 8.92
N PHE B 137 -15.55 -20.08 7.92
CA PHE B 137 -16.79 -19.34 7.89
C PHE B 137 -17.33 -19.15 6.48
N ASP B 138 -18.60 -18.78 6.41
CA ASP B 138 -19.31 -18.59 5.15
C ASP B 138 -19.32 -17.12 4.76
N TYR B 139 -19.60 -16.27 5.73
CA TYR B 139 -19.59 -14.83 5.50
C TYR B 139 -18.71 -14.15 6.53
N CYS B 140 -18.18 -13.00 6.15
CA CYS B 140 -17.50 -12.12 7.09
C CYS B 140 -18.17 -10.77 6.90
N ILE B 141 -18.65 -10.15 7.97
CA ILE B 141 -19.30 -8.85 7.83
C ILE B 141 -18.45 -7.84 8.55
N ILE B 142 -17.90 -6.88 7.81
CA ILE B 142 -17.10 -5.83 8.42
C ILE B 142 -17.80 -4.48 8.49
N ASP B 143 -17.88 -3.93 9.70
CA ASP B 143 -18.46 -2.62 9.93
C ASP B 143 -17.31 -1.61 9.97
N SER B 144 -17.22 -0.73 8.96
CA SER B 144 -16.11 0.23 8.86
C SER B 144 -16.35 1.53 9.60
N PRO B 145 -15.26 2.23 9.94
CA PRO B 145 -15.24 3.53 10.57
C PRO B 145 -15.75 4.61 9.64
N PRO B 146 -16.10 5.76 10.21
CA PRO B 146 -16.70 6.87 9.48
C PRO B 146 -15.72 7.92 8.98
N ALA B 147 -14.54 7.57 8.49
CA ALA B 147 -13.77 8.60 7.79
C ALA B 147 -12.74 8.01 6.86
N ARG B 148 -12.13 8.86 6.04
CA ARG B 148 -11.01 8.37 5.24
C ARG B 148 -9.83 8.15 6.19
N THR B 149 -9.44 6.89 6.40
CA THR B 149 -8.33 6.58 7.30
C THR B 149 -7.71 5.28 6.82
N GLN B 150 -6.63 4.88 7.45
CA GLN B 150 -5.94 3.66 7.04
C GLN B 150 -6.82 2.45 7.28
N ILE B 151 -7.64 2.53 8.31
CA ILE B 151 -8.53 1.41 8.68
C ILE B 151 -9.67 1.37 7.71
N SER B 152 -10.30 2.52 7.54
CA SER B 152 -11.33 2.72 6.53
C SER B 152 -10.93 2.09 5.20
N ILE B 153 -9.68 2.26 4.82
CA ILE B 153 -9.17 1.80 3.54
C ILE B 153 -8.87 0.31 3.56
N ALA B 154 -8.39 -0.18 4.70
CA ALA B 154 -8.11 -1.61 4.86
C ALA B 154 -9.39 -2.45 4.85
N THR B 155 -10.49 -1.90 5.38
CA THR B 155 -11.75 -2.63 5.30
C THR B 155 -12.23 -2.72 3.87
N ILE B 156 -12.24 -1.59 3.15
CA ILE B 156 -12.62 -1.64 1.74
C ILE B 156 -11.76 -2.64 0.97
N GLY B 157 -10.44 -2.57 1.18
CA GLY B 157 -9.51 -3.47 0.52
C GLY B 157 -9.82 -4.94 0.67
N ALA B 158 -10.30 -5.34 1.85
CA ALA B 158 -10.57 -6.75 2.12
C ALA B 158 -11.88 -7.25 1.51
N ALA B 159 -12.69 -6.32 1.02
CA ALA B 159 -14.01 -6.64 0.49
C ALA B 159 -14.03 -7.59 -0.70
N ASP B 160 -14.93 -8.57 -0.63
CA ASP B 160 -15.32 -9.36 -1.78
C ASP B 160 -16.55 -8.68 -2.37
N GLN B 161 -17.43 -8.23 -1.48
CA GLN B 161 -18.62 -7.48 -1.85
C GLN B 161 -18.71 -6.26 -0.95
N LEU B 162 -18.93 -5.11 -1.54
CA LEU B 162 -19.02 -3.87 -0.79
C LEU B 162 -20.45 -3.42 -0.77
N LEU B 163 -20.89 -2.88 0.36
CA LEU B 163 -22.27 -2.45 0.51
C LEU B 163 -22.26 -1.10 1.16
N ILE B 164 -22.87 -0.12 0.50
CA ILE B 164 -22.75 1.27 0.91
C ILE B 164 -24.09 1.81 1.40
N PRO B 165 -24.33 1.81 2.72
CA PRO B 165 -25.53 2.49 3.25
C PRO B 165 -25.31 3.99 3.19
N ALA B 166 -26.37 4.75 2.96
CA ALA B 166 -26.21 6.16 2.71
C ALA B 166 -27.49 6.87 3.04
N GLU B 167 -27.40 7.84 3.95
CA GLU B 167 -28.57 8.60 4.38
C GLU B 167 -29.34 9.16 3.16
N ALA B 168 -30.65 9.08 3.20
CA ALA B 168 -31.47 9.62 2.11
C ALA B 168 -31.61 11.12 2.30
N SER B 169 -30.52 11.82 2.02
CA SER B 169 -30.37 13.25 2.24
C SER B 169 -29.14 13.72 1.47
N THR B 170 -28.89 15.03 1.49
CA THR B 170 -27.76 15.55 0.75
C THR B 170 -26.50 14.97 1.34
N LYS B 171 -26.38 15.14 2.66
CA LYS B 171 -25.24 14.60 3.41
C LYS B 171 -24.91 13.19 2.98
N GLY B 172 -25.95 12.42 2.70
CA GLY B 172 -25.78 11.03 2.33
C GLY B 172 -25.30 10.84 0.90
N VAL B 173 -25.85 11.63 -0.01
CA VAL B 173 -25.40 11.58 -1.39
C VAL B 173 -23.89 11.84 -1.43
N ASN B 174 -23.43 12.82 -0.67
CA ASN B 174 -22.01 13.14 -0.62
C ASN B 174 -21.22 11.97 -0.06
N SER B 175 -21.75 11.36 0.99
CA SER B 175 -21.12 10.18 1.58
C SER B 175 -20.91 9.11 0.51
N LEU B 176 -21.90 8.90 -0.33
CA LEU B 176 -21.78 7.91 -1.40
C LEU B 176 -20.71 8.31 -2.40
N ILE B 177 -20.61 9.61 -2.67
CA ILE B 177 -19.65 10.09 -3.66
C ILE B 177 -18.24 9.94 -3.13
N ARG B 178 -18.01 10.47 -1.93
CA ARG B 178 -16.71 10.36 -1.27
C ARG B 178 -16.29 8.91 -1.12
N THR B 179 -17.26 8.01 -0.99
CA THR B 179 -16.96 6.60 -0.77
C THR B 179 -16.58 5.94 -2.09
N LEU B 180 -17.33 6.25 -3.13
CA LEU B 180 -17.05 5.67 -4.44
C LEU B 180 -15.69 6.12 -4.99
N GLU B 181 -15.22 7.31 -4.60
CA GLU B 181 -13.91 7.74 -5.10
C GLU B 181 -12.74 7.03 -4.40
N ILE B 182 -12.91 6.69 -3.12
CA ILE B 182 -11.91 5.87 -2.44
C ILE B 182 -11.85 4.48 -3.08
N VAL B 183 -13.02 3.95 -3.41
CA VAL B 183 -13.08 2.60 -3.96
C VAL B 183 -12.39 2.58 -5.30
N GLN B 184 -12.73 3.55 -6.14
CA GLN B 184 -12.25 3.62 -7.51
C GLN B 184 -10.73 3.69 -7.49
N SER B 185 -10.23 4.51 -6.58
CA SER B 185 -8.80 4.68 -6.43
C SER B 185 -8.12 3.42 -5.91
N LEU B 186 -8.74 2.76 -4.94
CA LEU B 186 -8.21 1.51 -4.41
C LEU B 186 -8.26 0.40 -5.44
N GLU B 187 -9.17 0.52 -6.39
CA GLU B 187 -9.29 -0.43 -7.48
C GLU B 187 -8.13 -0.27 -8.44
N LYS B 188 -7.86 0.99 -8.84
CA LYS B 188 -6.71 1.34 -9.69
C LYS B 188 -5.44 0.71 -9.17
N LEU B 189 -5.16 0.91 -7.88
CA LEU B 189 -3.92 0.40 -7.26
C LEU B 189 -3.92 -1.10 -6.99
N GLY B 190 -5.05 -1.75 -7.20
CA GLY B 190 -5.10 -3.20 -7.14
C GLY B 190 -5.42 -3.75 -5.76
N ALA B 191 -5.89 -2.89 -4.86
CA ALA B 191 -6.25 -3.31 -3.52
C ALA B 191 -7.68 -3.87 -3.51
N PHE B 192 -8.60 -3.11 -4.10
CA PHE B 192 -10.00 -3.51 -4.19
C PHE B 192 -10.26 -4.40 -5.40
N THR B 193 -10.45 -5.69 -5.14
CA THR B 193 -10.67 -6.66 -6.21
C THR B 193 -12.11 -7.14 -6.12
N GLY B 194 -12.88 -6.52 -5.26
CA GLY B 194 -14.24 -6.96 -5.04
C GLY B 194 -15.17 -6.31 -6.04
N SER B 195 -16.46 -6.45 -5.79
CA SER B 195 -17.43 -5.72 -6.58
C SER B 195 -18.37 -5.05 -5.62
N ILE B 196 -19.07 -4.04 -6.11
CA ILE B 196 -19.95 -3.26 -5.28
C ILE B 196 -21.36 -3.80 -5.35
N LEU B 197 -21.82 -4.41 -4.26
CA LEU B 197 -23.13 -5.04 -4.21
C LEU B 197 -24.27 -4.04 -4.44
N GLY B 198 -24.15 -2.84 -3.86
CA GLY B 198 -25.19 -1.85 -4.01
C GLY B 198 -25.24 -0.81 -2.92
N VAL B 199 -26.25 0.05 -3.00
CA VAL B 199 -26.47 1.12 -2.06
C VAL B 199 -27.76 0.87 -1.27
N ILE B 200 -27.77 1.20 0.03
CA ILE B 200 -28.96 1.07 0.85
C ILE B 200 -29.35 2.43 1.37
N PRO B 201 -30.39 3.05 0.80
CA PRO B 201 -30.78 4.35 1.36
C PRO B 201 -31.17 4.15 2.81
N PHE B 202 -30.87 5.14 3.64
CA PHE B 202 -31.00 5.00 5.09
C PHE B 202 -31.78 6.19 5.65
N ARG B 203 -32.71 5.91 6.53
CA ARG B 203 -33.64 6.91 7.05
C ARG B 203 -34.43 7.55 5.94
N ASP B 204 -34.91 6.71 5.02
CA ASP B 204 -35.90 7.12 4.03
C ASP B 204 -37.21 7.37 4.77
N LYS B 205 -37.98 8.35 4.32
CA LYS B 205 -39.23 8.71 5.00
C LYS B 205 -40.44 8.47 4.11
N TRP B 206 -41.34 7.58 4.53
CA TRP B 206 -42.57 7.31 3.77
C TRP B 206 -43.80 7.33 4.66
N PHE B 207 -44.95 7.52 4.05
CA PHE B 207 -46.22 7.26 4.71
C PHE B 207 -47.14 6.69 3.68
N GLY B 208 -47.32 5.38 3.73
CA GLY B 208 -48.11 4.70 2.72
C GLY B 208 -47.37 4.81 1.41
N LEU B 209 -47.95 5.54 0.46
CA LEU B 209 -47.35 5.65 -0.86
C LEU B 209 -46.65 7.00 -1.00
N SER B 210 -46.78 7.85 0.02
CA SER B 210 -46.18 9.17 -0.02
C SER B 210 -44.74 9.17 0.50
N GLN B 211 -43.78 9.39 -0.40
CA GLN B 211 -42.37 9.55 -0.01
C GLN B 211 -42.08 11.02 0.20
N SER B 212 -41.24 11.32 1.19
CA SER B 212 -40.85 12.71 1.49
C SER B 212 -40.06 13.29 0.32
N LYS B 213 -40.31 14.56 -0.01
CA LYS B 213 -39.66 15.15 -1.17
C LYS B 213 -38.14 15.13 -1.02
N ASP B 214 -37.66 15.53 0.16
CA ASP B 214 -36.23 15.48 0.47
C ASP B 214 -35.62 14.13 0.14
N SER B 215 -36.21 13.08 0.71
CA SER B 215 -35.74 11.71 0.56
C SER B 215 -35.82 11.24 -0.88
N ALA B 216 -36.87 11.65 -1.58
CA ALA B 216 -37.07 11.26 -2.96
C ALA B 216 -35.93 11.80 -3.81
N GLY B 217 -35.50 13.01 -3.49
CA GLY B 217 -34.40 13.66 -4.17
C GLY B 217 -33.09 12.94 -3.97
N ALA B 218 -32.66 12.86 -2.72
CA ALA B 218 -31.41 12.20 -2.39
C ALA B 218 -31.29 10.92 -3.19
N ILE B 219 -32.36 10.14 -3.25
CA ILE B 219 -32.31 8.82 -3.88
C ILE B 219 -32.25 8.94 -5.39
N ALA B 220 -32.92 9.94 -5.94
CA ALA B 220 -32.82 10.19 -7.37
C ALA B 220 -31.40 10.60 -7.71
N ALA B 221 -30.82 11.45 -6.86
CA ALA B 221 -29.45 11.89 -7.06
C ALA B 221 -28.48 10.73 -6.97
N MSE B 222 -28.69 9.84 -6.00
CA MSE B 222 -27.83 8.67 -5.89
C MSE B 222 -27.81 7.93 -7.20
O MSE B 222 -26.77 7.45 -7.63
CB MSE B 222 -28.24 7.75 -4.72
CG MSE B 222 -27.96 8.39 -3.36
SE MSE B 222 -28.69 7.35 -1.88
CE MSE B 222 -29.02 5.84 -3.05
N LYS B 223 -28.96 7.84 -7.88
CA LYS B 223 -29.03 7.11 -9.13
C LYS B 223 -28.32 7.83 -10.28
N GLU B 224 -28.19 9.15 -10.18
CA GLU B 224 -27.42 9.91 -11.17
C GLU B 224 -25.93 9.68 -10.94
N VAL B 225 -25.46 10.00 -9.74
CA VAL B 225 -24.08 9.75 -9.34
C VAL B 225 -23.57 8.36 -9.74
N ALA B 226 -24.42 7.34 -9.62
CA ALA B 226 -23.94 5.97 -9.82
C ALA B 226 -24.99 5.05 -10.44
N PRO B 227 -25.25 5.22 -11.74
CA PRO B 227 -26.34 4.52 -12.45
C PRO B 227 -26.03 3.05 -12.61
N GLN B 228 -24.79 2.66 -12.33
CA GLN B 228 -24.39 1.28 -12.47
C GLN B 228 -24.76 0.44 -11.24
N LEU B 229 -25.09 1.12 -10.13
CA LEU B 229 -25.21 0.48 -8.81
C LEU B 229 -26.63 0.08 -8.48
N ARG B 230 -26.79 -1.10 -7.88
CA ARG B 230 -28.12 -1.51 -7.46
C ARG B 230 -28.57 -0.67 -6.28
N ILE B 231 -29.82 -0.20 -6.30
CA ILE B 231 -30.36 0.49 -5.14
C ILE B 231 -31.35 -0.40 -4.38
N PHE B 232 -30.99 -0.75 -3.15
CA PHE B 232 -31.80 -1.67 -2.37
C PHE B 232 -32.98 -0.97 -1.73
N PRO B 233 -33.98 -1.76 -1.34
CA PRO B 233 -35.11 -1.18 -0.62
C PRO B 233 -34.58 -0.39 0.57
N SER B 234 -35.18 0.76 0.84
CA SER B 234 -34.65 1.68 1.86
C SER B 234 -34.76 1.10 3.25
N ILE B 235 -33.92 1.60 4.15
CA ILE B 235 -34.06 1.36 5.56
C ILE B 235 -34.87 2.54 6.06
N LEU B 236 -36.10 2.30 6.52
CA LEU B 236 -37.01 3.41 6.81
C LEU B 236 -36.73 4.07 8.15
N GLU B 237 -37.15 5.31 8.31
CA GLU B 237 -36.97 6.05 9.57
C GLU B 237 -37.83 5.41 10.64
N SER B 238 -37.21 5.02 11.74
CA SER B 238 -37.96 4.34 12.78
C SER B 238 -37.14 4.11 14.02
N GLU B 239 -37.73 4.40 15.16
CA GLU B 239 -37.08 4.11 16.43
C GLU B 239 -36.93 2.61 16.70
N ARG B 240 -37.54 1.77 15.87
CA ARG B 240 -37.49 0.34 16.16
C ARG B 240 -36.08 -0.21 16.02
N TYR B 241 -35.31 0.33 15.08
CA TYR B 241 -33.95 -0.16 14.85
C TYR B 241 -33.09 0.00 16.10
N LYS B 242 -33.10 1.18 16.71
CA LYS B 242 -32.21 1.39 17.85
C LYS B 242 -32.63 0.48 18.97
N GLN B 243 -33.93 0.27 19.09
CA GLN B 243 -34.47 -0.52 20.19
C GLN B 243 -34.09 -1.98 20.05
N ALA B 244 -34.12 -2.48 18.84
CA ALA B 244 -33.74 -3.86 18.60
C ALA B 244 -32.23 -4.07 18.79
N LEU B 245 -31.45 -3.03 18.48
CA LEU B 245 -29.99 -3.09 18.69
C LEU B 245 -29.71 -3.17 20.17
N ASN B 246 -30.37 -2.32 20.94
CA ASN B 246 -30.27 -2.35 22.39
C ASN B 246 -30.71 -3.69 23.01
N GLN B 247 -31.86 -4.22 22.56
CA GLN B 247 -32.33 -5.53 23.02
C GLN B 247 -31.53 -6.67 22.40
N GLY B 248 -30.69 -6.35 21.41
CA GLY B 248 -29.85 -7.33 20.75
C GLY B 248 -30.57 -8.44 19.98
N ILE B 249 -31.74 -8.14 19.43
CA ILE B 249 -32.47 -9.14 18.64
C ILE B 249 -32.80 -8.68 17.24
N LEU B 250 -33.01 -9.64 16.36
CA LEU B 250 -33.51 -9.39 15.01
C LEU B 250 -34.83 -8.64 15.11
N LEU B 251 -35.10 -7.83 14.10
CA LEU B 251 -36.32 -7.04 14.08
C LEU B 251 -37.58 -7.92 13.89
N SER B 252 -37.44 -9.02 13.15
CA SER B 252 -38.55 -9.90 12.90
C SER B 252 -39.08 -10.48 14.21
N GLU B 253 -38.20 -10.60 15.19
CA GLU B 253 -38.55 -11.23 16.46
C GLU B 253 -39.33 -10.28 17.36
N LEU B 254 -39.53 -9.06 16.90
CA LEU B 254 -40.22 -8.04 17.67
C LEU B 254 -41.50 -7.66 16.98
N GLY B 255 -41.74 -8.26 15.82
CA GLY B 255 -42.98 -8.06 15.13
C GLY B 255 -42.88 -7.07 14.00
N TYR B 256 -41.66 -6.65 13.69
CA TYR B 256 -41.46 -5.68 12.64
C TYR B 256 -40.77 -6.33 11.44
N PRO B 257 -41.48 -7.19 10.72
CA PRO B 257 -40.77 -7.91 9.67
C PRO B 257 -40.55 -7.01 8.46
N ASP B 258 -41.42 -6.03 8.27
CA ASP B 258 -41.26 -5.04 7.21
C ASP B 258 -39.91 -4.32 7.29
N LEU B 259 -39.41 -4.10 8.51
CA LEU B 259 -38.16 -3.38 8.71
C LEU B 259 -36.91 -4.16 8.32
N GLU B 260 -37.06 -5.45 8.07
CA GLU B 260 -35.92 -6.26 7.66
C GLU B 260 -35.76 -6.37 6.14
N LYS B 261 -36.61 -5.71 5.36
CA LYS B 261 -36.64 -6.03 3.93
C LYS B 261 -35.43 -5.55 3.14
N PRO B 262 -34.83 -4.43 3.54
CA PRO B 262 -33.53 -4.05 2.94
C PRO B 262 -32.53 -5.18 3.07
N PHE B 263 -32.42 -5.75 4.27
CA PHE B 263 -31.44 -6.78 4.54
C PHE B 263 -31.82 -8.08 3.83
N GLU B 264 -33.10 -8.40 3.83
CA GLU B 264 -33.58 -9.55 3.09
C GLU B 264 -33.33 -9.39 1.58
N GLY B 265 -33.45 -8.18 1.07
CA GLY B 265 -33.10 -7.90 -0.32
C GLY B 265 -31.62 -8.11 -0.62
N VAL B 266 -30.75 -7.67 0.29
CA VAL B 266 -29.33 -7.95 0.15
C VAL B 266 -29.05 -9.45 0.24
N LYS B 267 -29.59 -10.12 1.25
CA LYS B 267 -29.48 -11.57 1.34
C LYS B 267 -29.87 -12.23 0.01
N GLU B 268 -30.91 -11.69 -0.62
CA GLU B 268 -31.39 -12.19 -1.91
C GLU B 268 -30.30 -12.14 -2.98
N ALA B 269 -29.65 -10.99 -3.10
CA ALA B 269 -28.62 -10.76 -4.12
C ALA B 269 -27.31 -11.52 -3.89
N LEU B 270 -27.05 -11.91 -2.64
CA LEU B 270 -25.92 -12.78 -2.37
C LEU B 270 -26.25 -14.19 -2.84
N GLY B 271 -27.43 -14.68 -2.48
CA GLY B 271 -27.85 -16.02 -2.83
C GLY B 271 -27.76 -16.27 -4.33
PB ADP C . -22.83 4.70 11.26
O1B ADP C . -22.33 6.01 11.84
O2B ADP C . -22.29 3.49 11.98
O3B ADP C . -22.71 4.55 9.77
PA ADP C . -25.39 3.98 12.53
O1A ADP C . -24.72 3.98 13.90
O2A ADP C . -25.87 2.66 11.99
O3A ADP C . -24.44 4.77 11.44
O5' ADP C . -26.66 4.98 12.59
C5' ADP C . -26.63 6.18 13.37
C4' ADP C . -27.64 6.12 14.51
O4' ADP C . -28.96 6.19 14.00
C3' ADP C . -27.54 4.80 15.28
O3' ADP C . -27.00 4.99 16.59
C2' ADP C . -28.93 4.26 15.41
O2' ADP C . -29.25 4.25 16.80
C1' ADP C . -29.81 5.26 14.68
N9 ADP C . -30.66 4.58 13.67
C8 ADP C . -30.42 3.39 13.09
N7 ADP C . -31.40 3.07 12.21
C5 ADP C . -32.29 4.09 12.22
C6 ADP C . -33.56 4.40 11.53
N6 ADP C . -34.07 3.55 10.63
N1 ADP C . -34.17 5.58 11.83
C2 ADP C . -33.66 6.44 12.73
N3 ADP C . -32.51 6.22 13.39
C4 ADP C . -31.80 5.07 13.19
MG MG D . -20.93 3.19 14.00
#